data_7RJ3
#
_entry.id   7RJ3
#
_cell.length_a   50.135
_cell.length_b   56.755
_cell.length_c   92.264
_cell.angle_alpha   90.000
_cell.angle_beta   90.000
_cell.angle_gamma   90.000
#
_symmetry.space_group_name_H-M   'P 21 21 21'
#
loop_
_entity.id
_entity.type
_entity.pdbx_description
1 polymer 'Glycogen accumulation regulator GarA'
2 non-polymer DI(HYDROXYETHYL)ETHER
3 water water
#
_entity_poly.entity_id   1
_entity_poly.type   'polypeptide(L)'
_entity_poly.pdbx_seq_one_letter_code
;MHHHHHHSSGVDLGTENLYFQSNAMTDMNPDIEKDQTSDEVTVETTSVFRADFLSELDAPAQAGTESAVSGVEGLPPGSA
LLVVKRGPNAGSRFLLDQAITSAGRHPDSDIFLDDVTVSRRHAEFRLENNEFNVVDVGSLNGTYVNREPVDSAVLANGDE
VQIGKFRLVFLTGPKQGEDDGSTGGP
;
_entity_poly.pdbx_strand_id   A,B,C
#
loop_
_chem_comp.id
_chem_comp.type
_chem_comp.name
_chem_comp.formula
PEG non-polymer DI(HYDROXYETHYL)ETHER 'C4 H10 O3'
#
# COMPACT_ATOMS: atom_id res chain seq x y z
N VAL A 72 14.80 -7.86 5.83
CA VAL A 72 15.06 -8.86 4.77
C VAL A 72 16.46 -9.44 4.99
N GLU A 73 16.52 -10.66 5.54
CA GLU A 73 17.80 -11.36 5.87
C GLU A 73 18.68 -11.60 4.63
N GLY A 74 18.10 -11.99 3.50
CA GLY A 74 18.89 -12.38 2.30
C GLY A 74 19.38 -11.23 1.44
N LEU A 75 19.81 -10.11 2.01
CA LEU A 75 20.38 -8.99 1.21
C LEU A 75 21.82 -8.74 1.63
N PRO A 76 22.65 -8.11 0.78
CA PRO A 76 24.01 -7.75 1.17
C PRO A 76 23.96 -6.87 2.41
N PRO A 77 24.88 -7.05 3.38
CA PRO A 77 24.86 -6.23 4.59
C PRO A 77 24.88 -4.73 4.24
N GLY A 78 24.05 -3.94 4.92
CA GLY A 78 24.02 -2.47 4.75
C GLY A 78 23.11 -2.03 3.62
N SER A 79 22.44 -2.98 2.96
CA SER A 79 21.56 -2.62 1.82
C SER A 79 20.08 -2.57 2.27
N ALA A 80 19.23 -2.15 1.35
CA ALA A 80 17.77 -2.11 1.54
C ALA A 80 17.13 -2.48 0.21
N LEU A 81 15.82 -2.67 0.21
CA LEU A 81 15.15 -3.12 -1.05
C LEU A 81 13.89 -2.27 -1.27
N LEU A 82 13.65 -1.89 -2.51
CA LEU A 82 12.36 -1.24 -2.88
C LEU A 82 11.57 -2.25 -3.70
N VAL A 83 10.33 -2.52 -3.29
CA VAL A 83 9.46 -3.47 -4.05
C VAL A 83 8.28 -2.71 -4.64
N VAL A 84 8.01 -2.95 -5.92
CA VAL A 84 6.80 -2.35 -6.55
C VAL A 84 5.59 -3.17 -6.09
N LYS A 85 4.75 -2.59 -5.25
CA LYS A 85 3.53 -3.30 -4.79
C LYS A 85 2.42 -3.15 -5.82
N ARG A 86 2.36 -1.99 -6.47
CA ARG A 86 1.31 -1.76 -7.51
C ARG A 86 1.89 -0.89 -8.60
N GLY A 87 1.45 -1.12 -9.83
CA GLY A 87 1.95 -0.37 -10.99
C GLY A 87 2.31 -1.30 -12.13
N PRO A 88 2.80 -0.75 -13.26
CA PRO A 88 3.10 -1.55 -14.45
C PRO A 88 3.96 -2.80 -14.23
N ASN A 89 4.94 -2.70 -13.34
CA ASN A 89 5.90 -3.80 -13.08
C ASN A 89 5.71 -4.35 -11.67
N ALA A 90 4.45 -4.46 -11.20
CA ALA A 90 4.20 -4.96 -9.83
C ALA A 90 4.99 -6.25 -9.61
N GLY A 91 5.67 -6.34 -8.46
CA GLY A 91 6.51 -7.50 -8.14
C GLY A 91 7.97 -7.19 -8.37
N SER A 92 8.28 -6.27 -9.28
CA SER A 92 9.69 -5.89 -9.52
C SER A 92 10.30 -5.34 -8.23
N ARG A 93 11.61 -5.51 -8.07
CA ARG A 93 12.28 -5.02 -6.85
C ARG A 93 13.69 -4.55 -7.21
N PHE A 94 14.19 -3.61 -6.44
CA PHE A 94 15.45 -2.89 -6.75
C PHE A 94 16.28 -2.75 -5.49
N LEU A 95 17.55 -3.14 -5.59
CA LEU A 95 18.49 -3.07 -4.46
C LEU A 95 18.98 -1.63 -4.29
N LEU A 96 18.98 -1.18 -3.03
CA LEU A 96 19.59 0.11 -2.64
C LEU A 96 20.89 -0.26 -1.93
N ASP A 97 22.04 -0.07 -2.58
CA ASP A 97 23.33 -0.45 -1.96
C ASP A 97 24.44 0.46 -2.48
N GLN A 98 24.13 1.74 -2.60
CA GLN A 98 25.13 2.73 -3.05
C GLN A 98 24.70 4.07 -2.44
N ALA A 99 25.61 5.05 -2.47
CA ALA A 99 25.34 6.37 -1.86
C ALA A 99 24.12 7.01 -2.52
N ILE A 100 24.03 6.93 -3.85
CA ILE A 100 22.91 7.58 -4.60
C ILE A 100 22.30 6.58 -5.56
N THR A 101 20.99 6.35 -5.44
CA THR A 101 20.26 5.51 -6.42
C THR A 101 19.20 6.41 -7.05
N SER A 102 19.34 6.72 -8.34
CA SER A 102 18.36 7.57 -9.06
C SER A 102 17.13 6.76 -9.49
N ALA A 103 15.96 7.40 -9.43
CA ALA A 103 14.68 6.80 -9.87
C ALA A 103 13.99 7.79 -10.82
N GLY A 104 13.68 7.31 -12.01
CA GLY A 104 13.01 8.21 -12.96
C GLY A 104 12.77 7.52 -14.28
N ARG A 105 12.32 8.31 -15.26
CA ARG A 105 12.09 7.83 -16.63
C ARG A 105 13.36 8.06 -17.49
N HIS A 106 14.38 8.74 -16.97
CA HIS A 106 15.66 8.89 -17.73
C HIS A 106 16.18 7.49 -18.04
N PRO A 107 16.60 7.19 -19.28
CA PRO A 107 17.07 5.86 -19.64
C PRO A 107 18.21 5.29 -18.78
N ASP A 108 19.01 6.17 -18.18
CA ASP A 108 20.18 5.72 -17.38
C ASP A 108 19.85 5.75 -15.89
N SER A 109 18.55 5.90 -15.55
CA SER A 109 18.15 5.86 -14.11
C SER A 109 18.60 4.52 -13.52
N ASP A 110 19.03 4.53 -12.26
CA ASP A 110 19.40 3.27 -11.57
C ASP A 110 18.13 2.43 -11.42
N ILE A 111 17.01 3.08 -11.12
CA ILE A 111 15.67 2.45 -11.01
C ILE A 111 14.84 3.08 -12.14
N PHE A 112 14.73 2.37 -13.25
CA PHE A 112 14.06 2.87 -14.46
C PHE A 112 12.56 2.58 -14.39
N LEU A 113 11.78 3.63 -14.15
CA LEU A 113 10.31 3.58 -14.02
C LEU A 113 9.77 4.30 -15.26
N ASP A 114 9.56 3.53 -16.32
CA ASP A 114 9.24 4.09 -17.66
C ASP A 114 7.73 4.31 -17.82
N ASP A 115 7.24 5.44 -17.32
CA ASP A 115 5.81 5.84 -17.43
C ASP A 115 5.76 7.37 -17.47
N VAL A 116 4.80 7.92 -18.21
CA VAL A 116 4.68 9.41 -18.39
C VAL A 116 4.36 10.09 -17.06
N THR A 117 3.88 9.35 -16.06
CA THR A 117 3.58 9.94 -14.72
C THR A 117 4.88 10.18 -13.94
N VAL A 118 6.00 9.64 -14.45
CA VAL A 118 7.30 9.72 -13.73
C VAL A 118 8.19 10.75 -14.42
N SER A 119 8.78 11.68 -13.65
CA SER A 119 9.70 12.69 -14.26
C SER A 119 11.00 12.00 -14.73
N ARG A 120 11.67 12.61 -15.71
CA ARG A 120 12.98 12.13 -16.23
C ARG A 120 13.88 11.88 -15.02
N ARG A 121 14.00 12.88 -14.16
CA ARG A 121 14.73 12.78 -12.88
C ARG A 121 13.68 13.06 -11.82
N HIS A 122 13.24 12.02 -11.13
CA HIS A 122 12.07 12.16 -10.22
C HIS A 122 12.49 12.18 -8.76
N ALA A 123 13.16 11.11 -8.32
CA ALA A 123 13.63 11.04 -6.93
C ALA A 123 15.02 10.39 -6.88
N GLU A 124 15.60 10.44 -5.69
CA GLU A 124 16.88 9.77 -5.39
C GLU A 124 16.72 9.09 -4.03
N PHE A 125 17.27 7.88 -3.93
CA PHE A 125 17.35 7.19 -2.63
C PHE A 125 18.81 7.34 -2.21
N ARG A 126 19.04 8.02 -1.08
CA ARG A 126 20.42 8.34 -0.67
C ARG A 126 20.75 7.63 0.64
N LEU A 127 21.93 7.02 0.70
CA LEU A 127 22.40 6.37 1.94
C LEU A 127 23.22 7.42 2.69
N GLU A 128 22.74 7.85 3.87
CA GLU A 128 23.44 8.90 4.64
C GLU A 128 23.37 8.55 6.13
N ASN A 129 24.52 8.63 6.80
CA ASN A 129 24.57 8.36 8.27
C ASN A 129 23.89 7.02 8.56
N ASN A 130 24.18 6.00 7.74
CA ASN A 130 23.65 4.61 7.90
C ASN A 130 22.13 4.56 7.72
N GLU A 131 21.51 5.63 7.22
CA GLU A 131 20.04 5.65 6.99
C GLU A 131 19.76 5.85 5.51
N PHE A 132 18.65 5.29 5.02
CA PHE A 132 18.24 5.56 3.62
C PHE A 132 17.23 6.69 3.63
N ASN A 133 17.45 7.67 2.76
CA ASN A 133 16.50 8.81 2.64
C ASN A 133 15.96 8.85 1.21
N VAL A 134 14.70 9.21 1.05
CA VAL A 134 14.21 9.47 -0.33
C VAL A 134 14.21 10.99 -0.49
N VAL A 135 14.63 11.46 -1.65
CA VAL A 135 14.71 12.93 -1.91
C VAL A 135 14.00 13.21 -3.23
N ASP A 136 13.06 14.15 -3.23
CA ASP A 136 12.44 14.56 -4.51
C ASP A 136 13.43 15.48 -5.20
N VAL A 137 13.74 15.25 -6.48
CA VAL A 137 14.78 16.12 -7.12
C VAL A 137 14.14 17.03 -8.17
N GLY A 138 12.92 17.50 -7.90
CA GLY A 138 12.21 18.45 -8.76
C GLY A 138 11.26 17.76 -9.70
N SER A 139 10.56 16.72 -9.24
CA SER A 139 9.56 16.01 -10.09
C SER A 139 8.35 16.91 -10.35
N LEU A 140 7.59 16.61 -11.40
CA LEU A 140 6.36 17.39 -11.67
C LEU A 140 5.24 16.96 -10.70
N ASN A 141 5.03 15.65 -10.53
CA ASN A 141 3.86 15.11 -9.77
C ASN A 141 4.17 14.92 -8.27
N GLY A 142 5.43 15.02 -7.87
CA GLY A 142 5.81 14.90 -6.44
C GLY A 142 6.22 13.50 -6.06
N THR A 143 6.83 13.37 -4.89
CA THR A 143 7.25 12.08 -4.33
C THR A 143 6.52 11.95 -2.99
N TYR A 144 5.77 10.86 -2.82
CA TYR A 144 4.90 10.72 -1.63
C TYR A 144 5.41 9.61 -0.75
N VAL A 145 5.44 9.89 0.53
CA VAL A 145 5.81 8.87 1.55
C VAL A 145 4.59 8.71 2.44
N ASN A 146 4.00 7.52 2.41
CA ASN A 146 2.78 7.27 3.22
C ASN A 146 1.71 8.32 2.84
N ARG A 147 1.54 8.54 1.52
CA ARG A 147 0.51 9.41 0.90
C ARG A 147 0.82 10.91 1.07
N GLU A 148 1.89 11.30 1.77
CA GLU A 148 2.21 12.74 1.92
C GLU A 148 3.34 13.14 0.98
N PRO A 149 3.21 14.25 0.20
CA PRO A 149 4.31 14.70 -0.66
C PRO A 149 5.43 15.21 0.24
N VAL A 150 6.68 14.88 -0.10
CA VAL A 150 7.83 15.32 0.75
C VAL A 150 8.94 15.87 -0.14
N ASP A 151 9.79 16.72 0.45
CA ASP A 151 11.05 17.14 -0.22
C ASP A 151 12.04 16.02 0.07
N SER A 152 11.96 15.46 1.29
CA SER A 152 12.77 14.27 1.64
C SER A 152 12.17 13.60 2.87
N ALA A 153 12.53 12.34 3.07
CA ALA A 153 12.14 11.62 4.30
C ALA A 153 13.17 10.54 4.61
N VAL A 154 13.47 10.38 5.90
CA VAL A 154 14.29 9.22 6.35
C VAL A 154 13.33 8.02 6.30
N LEU A 155 13.68 6.99 5.55
CA LEU A 155 12.74 5.88 5.33
C LEU A 155 12.80 4.88 6.47
N ALA A 156 11.62 4.38 6.81
CA ALA A 156 11.50 3.33 7.84
C ALA A 156 10.94 2.08 7.17
N ASN A 157 11.30 0.93 7.71
CA ASN A 157 10.81 -0.37 7.21
C ASN A 157 9.28 -0.29 7.01
N GLY A 158 8.79 -0.61 5.80
CA GLY A 158 7.34 -0.64 5.52
C GLY A 158 6.80 0.66 4.97
N ASP A 159 7.63 1.70 4.89
CA ASP A 159 7.15 2.98 4.32
C ASP A 159 6.75 2.79 2.86
N GLU A 160 5.63 3.39 2.47
CA GLU A 160 5.18 3.34 1.06
C GLU A 160 5.66 4.61 0.33
N VAL A 161 6.26 4.43 -0.84
CA VAL A 161 6.79 5.58 -1.63
C VAL A 161 6.09 5.56 -2.98
N GLN A 162 5.41 6.65 -3.33
CA GLN A 162 4.71 6.74 -4.63
C GLN A 162 5.49 7.67 -5.55
N ILE A 163 5.82 7.16 -6.73
CA ILE A 163 6.53 7.90 -7.81
C ILE A 163 5.65 7.68 -9.04
N GLY A 164 4.96 8.72 -9.48
CA GLY A 164 3.97 8.51 -10.57
C GLY A 164 2.97 7.45 -10.18
N LYS A 165 2.65 6.53 -11.09
CA LYS A 165 1.67 5.47 -10.77
C LYS A 165 2.36 4.27 -10.09
N PHE A 166 3.64 4.40 -9.72
CA PHE A 166 4.34 3.26 -9.07
C PHE A 166 4.25 3.41 -7.57
N ARG A 167 3.73 2.37 -6.92
CA ARG A 167 3.60 2.34 -5.45
C ARG A 167 4.65 1.35 -4.95
N LEU A 168 5.67 1.86 -4.25
CA LEU A 168 6.79 1.04 -3.77
C LEU A 168 6.70 0.89 -2.25
N VAL A 169 7.33 -0.16 -1.73
CA VAL A 169 7.53 -0.26 -0.26
C VAL A 169 9.03 -0.37 -0.03
N PHE A 170 9.52 0.32 0.99
CA PHE A 170 10.93 0.27 1.40
C PHE A 170 11.11 -0.78 2.49
N LEU A 171 12.05 -1.68 2.29
CA LEU A 171 12.35 -2.77 3.26
C LEU A 171 13.81 -2.66 3.70
N THR A 172 14.04 -2.63 5.01
CA THR A 172 15.42 -2.58 5.56
C THR A 172 16.06 -3.97 5.43
N GLY A 173 17.37 -3.99 5.17
CA GLY A 173 18.13 -5.25 5.04
C GLY A 173 18.93 -5.52 6.31
N PRO A 174 19.97 -6.40 6.24
CA PRO A 174 20.80 -6.68 7.41
C PRO A 174 21.72 -5.49 7.72
N LYS A 175 22.16 -5.39 8.97
CA LYS A 175 23.03 -4.26 9.41
C LYS A 175 24.47 -4.46 8.89
N GLN A 176 25.26 -3.39 8.90
CA GLN A 176 26.71 -3.42 8.53
C GLN A 176 27.49 -4.01 9.72
N GLY B 71 -19.00 -20.89 2.37
CA GLY B 71 -17.74 -21.54 1.92
C GLY B 71 -17.40 -21.20 0.47
N VAL B 72 -16.64 -22.08 -0.19
CA VAL B 72 -16.18 -21.92 -1.61
C VAL B 72 -17.36 -21.57 -2.54
N GLU B 73 -18.43 -22.37 -2.54
CA GLU B 73 -19.55 -22.13 -3.49
C GLU B 73 -20.23 -20.78 -3.21
N GLY B 74 -20.39 -20.44 -1.92
CA GLY B 74 -21.08 -19.20 -1.53
C GLY B 74 -20.19 -17.97 -1.60
N LEU B 75 -18.98 -18.08 -2.18
CA LEU B 75 -18.07 -16.90 -2.22
C LEU B 75 -18.67 -15.78 -3.07
N PRO B 76 -18.69 -14.54 -2.55
CA PRO B 76 -19.17 -13.39 -3.32
C PRO B 76 -18.34 -13.20 -4.58
N PRO B 77 -18.85 -12.45 -5.60
CA PRO B 77 -18.11 -12.23 -6.83
C PRO B 77 -16.79 -11.51 -6.54
N GLY B 78 -15.70 -11.96 -7.15
CA GLY B 78 -14.37 -11.34 -6.97
C GLY B 78 -13.75 -11.69 -5.62
N SER B 79 -14.10 -12.85 -5.07
N SER B 79 -14.12 -12.84 -5.04
CA SER B 79 -13.53 -13.29 -3.76
CA SER B 79 -13.55 -13.28 -3.74
C SER B 79 -12.85 -14.65 -3.93
C SER B 79 -12.91 -14.67 -3.88
N ALA B 80 -12.04 -15.03 -2.94
CA ALA B 80 -11.32 -16.32 -2.95
C ALA B 80 -10.97 -16.69 -1.51
N LEU B 81 -10.43 -17.89 -1.32
N LEU B 81 -10.40 -17.88 -1.31
CA LEU B 81 -10.02 -18.35 0.04
CA LEU B 81 -10.06 -18.35 0.05
C LEU B 81 -8.56 -18.80 0.02
C LEU B 81 -8.64 -18.90 0.07
N LEU B 82 -7.93 -18.67 1.17
CA LEU B 82 -6.59 -19.26 1.42
C LEU B 82 -6.81 -20.24 2.57
N VAL B 83 -6.57 -21.53 2.33
CA VAL B 83 -6.76 -22.55 3.40
C VAL B 83 -5.37 -22.98 3.90
N VAL B 84 -5.15 -22.94 5.21
CA VAL B 84 -3.84 -23.42 5.75
C VAL B 84 -3.81 -24.95 5.66
N LYS B 85 -2.97 -25.48 4.77
CA LYS B 85 -2.81 -26.96 4.63
C LYS B 85 -1.73 -27.44 5.60
N ARG B 86 -0.64 -26.66 5.72
CA ARG B 86 0.49 -27.00 6.62
C ARG B 86 0.82 -25.77 7.45
N GLY B 87 1.07 -25.95 8.74
CA GLY B 87 1.39 -24.81 9.62
C GLY B 87 0.67 -24.92 10.96
N PRO B 88 0.97 -24.02 11.92
CA PRO B 88 0.39 -24.09 13.27
C PRO B 88 -1.14 -24.16 13.37
N ASN B 89 -1.83 -23.47 12.45
CA ASN B 89 -3.31 -23.38 12.46
C ASN B 89 -3.90 -24.17 11.28
N ALA B 90 -3.37 -25.36 10.98
CA ALA B 90 -3.84 -26.10 9.78
C ALA B 90 -5.37 -26.28 9.81
N GLY B 91 -6.02 -26.03 8.68
CA GLY B 91 -7.49 -26.12 8.57
C GLY B 91 -8.14 -24.75 8.66
N SER B 92 -7.41 -23.78 9.22
CA SER B 92 -7.89 -22.37 9.25
C SER B 92 -8.00 -21.87 7.82
N ARG B 93 -8.96 -20.97 7.57
N ARG B 93 -8.90 -20.92 7.58
CA ARG B 93 -9.21 -20.39 6.23
CA ARG B 93 -8.99 -20.37 6.21
C ARG B 93 -9.26 -18.86 6.34
C ARG B 93 -9.25 -18.87 6.31
N PHE B 94 -8.82 -18.15 5.28
CA PHE B 94 -8.88 -16.67 5.25
C PHE B 94 -9.53 -16.21 3.96
N LEU B 95 -10.46 -15.27 4.08
CA LEU B 95 -11.19 -14.73 2.93
C LEU B 95 -10.34 -13.66 2.22
N LEU B 96 -10.24 -13.76 0.89
CA LEU B 96 -9.63 -12.71 0.02
C LEU B 96 -10.78 -11.99 -0.68
N ASP B 97 -10.89 -10.66 -0.56
CA ASP B 97 -11.94 -9.92 -1.32
C ASP B 97 -11.27 -9.31 -2.58
N GLN B 98 -12.00 -8.46 -3.33
CA GLN B 98 -11.40 -7.91 -4.59
C GLN B 98 -10.35 -6.84 -4.27
N ALA B 99 -10.34 -6.31 -3.04
CA ALA B 99 -9.36 -5.25 -2.71
C ALA B 99 -8.02 -5.91 -2.31
N ILE B 100 -7.01 -5.11 -2.00
CA ILE B 100 -5.70 -5.65 -1.55
C ILE B 100 -5.89 -6.32 -0.19
N THR B 101 -5.48 -7.58 -0.08
CA THR B 101 -5.47 -8.30 1.22
C THR B 101 -4.00 -8.55 1.59
N SER B 102 -3.56 -8.09 2.76
CA SER B 102 -2.15 -8.30 3.16
C SER B 102 -1.99 -9.54 4.04
N ALA B 103 -0.86 -10.21 3.92
CA ALA B 103 -0.53 -11.34 4.81
C ALA B 103 0.85 -11.06 5.42
N GLY B 104 0.99 -11.23 6.74
CA GLY B 104 2.28 -10.95 7.38
C GLY B 104 2.26 -11.31 8.84
N ARG B 105 3.42 -11.15 9.47
CA ARG B 105 3.67 -11.43 10.90
C ARG B 105 3.17 -10.25 11.74
N HIS B 106 3.01 -9.07 11.13
CA HIS B 106 2.50 -7.93 11.92
C HIS B 106 0.98 -8.12 12.09
N PRO B 107 0.41 -7.98 13.31
CA PRO B 107 -1.01 -8.22 13.52
C PRO B 107 -1.95 -7.24 12.79
N ASP B 108 -1.43 -6.14 12.24
CA ASP B 108 -2.30 -5.23 11.44
C ASP B 108 -2.41 -5.77 10.01
N SER B 109 -1.73 -6.87 9.70
CA SER B 109 -1.94 -7.55 8.40
C SER B 109 -3.40 -8.02 8.35
N ASP B 110 -4.02 -8.04 7.15
CA ASP B 110 -5.40 -8.59 7.05
C ASP B 110 -5.38 -10.06 7.45
N ILE B 111 -4.32 -10.77 7.04
CA ILE B 111 -4.10 -12.21 7.39
C ILE B 111 -2.85 -12.28 8.28
N PHE B 112 -3.09 -12.46 9.59
CA PHE B 112 -2.01 -12.50 10.60
C PHE B 112 -1.45 -13.91 10.72
N LEU B 113 -0.22 -14.08 10.25
CA LEU B 113 0.49 -15.37 10.29
C LEU B 113 1.58 -15.21 11.35
N ASP B 114 1.27 -15.59 12.59
CA ASP B 114 2.19 -15.29 13.73
C ASP B 114 3.33 -16.31 13.78
N ASP B 115 4.44 -16.00 13.10
CA ASP B 115 5.65 -16.85 13.13
C ASP B 115 6.83 -16.02 12.65
N VAL B 116 8.01 -16.23 13.25
CA VAL B 116 9.22 -15.46 12.89
C VAL B 116 9.61 -15.74 11.42
N THR B 117 9.14 -16.84 10.83
CA THR B 117 9.49 -17.21 9.42
C THR B 117 8.75 -16.29 8.43
N VAL B 118 7.80 -15.51 8.93
CA VAL B 118 6.97 -14.62 8.05
C VAL B 118 7.45 -13.17 8.21
N SER B 119 7.60 -12.43 7.10
CA SER B 119 7.99 -11.00 7.15
C SER B 119 6.86 -10.16 7.76
N ARG B 120 7.20 -8.99 8.32
CA ARG B 120 6.22 -8.05 8.94
C ARG B 120 5.01 -7.91 8.03
N ARG B 121 5.25 -7.54 6.78
CA ARG B 121 4.24 -7.55 5.69
C ARG B 121 4.88 -8.40 4.59
N HIS B 122 4.37 -9.59 4.36
CA HIS B 122 5.06 -10.59 3.51
C HIS B 122 4.52 -10.61 2.07
N ALA B 123 3.20 -10.69 1.91
CA ALA B 123 2.57 -10.80 0.59
C ALA B 123 1.29 -9.96 0.52
N GLU B 124 0.96 -9.52 -0.68
CA GLU B 124 -0.34 -8.85 -0.93
C GLU B 124 -1.07 -9.62 -2.04
N PHE B 125 -2.34 -9.92 -1.79
CA PHE B 125 -3.22 -10.59 -2.78
C PHE B 125 -4.21 -9.56 -3.31
N ARG B 126 -4.47 -9.59 -4.61
CA ARG B 126 -5.44 -8.60 -5.15
C ARG B 126 -6.07 -9.15 -6.42
N LEU B 127 -7.29 -8.69 -6.73
CA LEU B 127 -8.00 -9.11 -7.97
C LEU B 127 -7.70 -8.06 -9.04
N GLU B 128 -7.12 -8.50 -10.17
CA GLU B 128 -6.85 -7.62 -11.34
C GLU B 128 -7.25 -8.39 -12.60
N ASN B 129 -8.09 -7.78 -13.45
CA ASN B 129 -8.54 -8.44 -14.71
C ASN B 129 -9.25 -9.75 -14.36
N ASN B 130 -10.11 -9.72 -13.33
CA ASN B 130 -10.90 -10.90 -12.87
C ASN B 130 -9.97 -12.10 -12.58
N GLU B 131 -8.75 -11.83 -12.12
CA GLU B 131 -7.80 -12.91 -11.73
C GLU B 131 -7.06 -12.48 -10.46
N PHE B 132 -6.86 -13.41 -9.53
CA PHE B 132 -6.12 -13.03 -8.32
C PHE B 132 -4.62 -13.06 -8.59
N ASN B 133 -3.93 -12.07 -8.03
CA ASN B 133 -2.45 -11.99 -8.13
C ASN B 133 -1.88 -11.98 -6.72
N VAL B 134 -0.71 -12.60 -6.57
CA VAL B 134 0.04 -12.47 -5.29
C VAL B 134 1.32 -11.71 -5.64
N VAL B 135 1.70 -10.77 -4.77
CA VAL B 135 2.94 -10.00 -4.93
C VAL B 135 3.72 -10.19 -3.62
N ASP B 136 4.98 -10.59 -3.72
CA ASP B 136 5.81 -10.66 -2.51
C ASP B 136 6.22 -9.22 -2.20
N VAL B 137 5.89 -8.73 -1.02
CA VAL B 137 6.19 -7.31 -0.66
C VAL B 137 7.13 -7.24 0.55
N GLY B 138 7.71 -8.35 1.00
CA GLY B 138 8.53 -8.32 2.23
C GLY B 138 9.76 -9.21 2.20
N SER B 139 10.07 -9.86 1.07
CA SER B 139 11.28 -10.75 1.06
C SER B 139 11.97 -10.79 -0.30
N LEU B 140 13.09 -11.51 -0.33
CA LEU B 140 13.80 -11.86 -1.59
C LEU B 140 13.63 -13.37 -1.75
N ASN B 141 12.78 -13.80 -2.69
CA ASN B 141 12.54 -15.25 -2.96
C ASN B 141 11.96 -15.97 -1.72
N GLY B 142 11.17 -15.28 -0.90
CA GLY B 142 10.57 -15.85 0.33
C GLY B 142 9.09 -16.21 0.20
N THR B 143 8.48 -16.04 -0.98
CA THR B 143 7.07 -16.44 -1.22
C THR B 143 7.09 -17.47 -2.34
N TYR B 144 6.57 -18.66 -2.09
CA TYR B 144 6.63 -19.71 -3.13
C TYR B 144 5.23 -20.05 -3.63
N VAL B 145 5.12 -20.30 -4.92
CA VAL B 145 3.87 -20.81 -5.53
C VAL B 145 4.22 -22.16 -6.17
N ASN B 146 3.60 -23.21 -5.68
CA ASN B 146 3.91 -24.57 -6.20
C ASN B 146 5.42 -24.83 -6.08
N ARG B 147 5.98 -24.49 -4.92
CA ARG B 147 7.38 -24.75 -4.49
C ARG B 147 8.39 -23.81 -5.16
N GLU B 148 7.95 -22.92 -6.06
CA GLU B 148 8.92 -22.03 -6.76
C GLU B 148 8.76 -20.60 -6.26
N PRO B 149 9.87 -19.92 -5.94
CA PRO B 149 9.79 -18.53 -5.48
C PRO B 149 9.22 -17.63 -6.58
N VAL B 150 8.40 -16.68 -6.19
CA VAL B 150 7.79 -15.74 -7.16
C VAL B 150 7.93 -14.32 -6.61
N ASP B 151 8.11 -13.36 -7.51
CA ASP B 151 8.06 -11.92 -7.14
C ASP B 151 6.58 -11.53 -7.22
N SER B 152 5.92 -12.02 -8.26
CA SER B 152 4.46 -11.82 -8.48
C SER B 152 3.95 -12.98 -9.33
N ALA B 153 2.71 -13.36 -9.13
CA ALA B 153 2.17 -14.49 -9.91
C ALA B 153 0.65 -14.36 -10.02
N VAL B 154 0.13 -14.78 -11.16
CA VAL B 154 -1.35 -14.89 -11.30
C VAL B 154 -1.70 -16.25 -10.71
N LEU B 155 -2.63 -16.27 -9.76
CA LEU B 155 -3.00 -17.53 -9.08
C LEU B 155 -4.12 -18.25 -9.81
N ALA B 156 -4.03 -19.58 -9.78
CA ALA B 156 -5.06 -20.47 -10.34
C ALA B 156 -5.58 -21.33 -9.20
N ASN B 157 -6.85 -21.70 -9.26
CA ASN B 157 -7.45 -22.57 -8.23
C ASN B 157 -6.54 -23.77 -7.94
N GLY B 158 -6.31 -24.05 -6.65
CA GLY B 158 -5.50 -25.22 -6.23
C GLY B 158 -4.03 -24.90 -6.06
N ASP B 159 -3.58 -23.70 -6.46
CA ASP B 159 -2.14 -23.36 -6.28
C ASP B 159 -1.79 -23.38 -4.79
N GLU B 160 -0.60 -23.87 -4.47
CA GLU B 160 -0.08 -23.89 -3.08
C GLU B 160 0.87 -22.70 -2.90
N VAL B 161 0.56 -21.84 -1.93
CA VAL B 161 1.37 -20.63 -1.65
C VAL B 161 2.07 -20.85 -0.32
N GLN B 162 3.40 -20.84 -0.31
CA GLN B 162 4.16 -21.03 0.94
C GLN B 162 4.67 -19.65 1.38
N ILE B 163 4.36 -19.30 2.63
CA ILE B 163 4.80 -18.04 3.29
C ILE B 163 5.39 -18.48 4.64
N GLY B 164 6.72 -18.45 4.76
CA GLY B 164 7.34 -18.99 5.99
C GLY B 164 6.95 -20.45 6.17
N LYS B 165 6.59 -20.85 7.38
CA LYS B 165 6.24 -22.27 7.65
C LYS B 165 4.78 -22.56 7.27
N PHE B 166 4.06 -21.58 6.72
CA PHE B 166 2.64 -21.78 6.35
C PHE B 166 2.53 -22.19 4.89
N ARG B 167 1.81 -23.29 4.64
CA ARG B 167 1.50 -23.67 3.24
C ARG B 167 0.00 -23.46 3.06
N LEU B 168 -0.36 -22.54 2.18
CA LEU B 168 -1.76 -22.14 1.94
C LEU B 168 -2.24 -22.65 0.57
N VAL B 169 -3.46 -23.14 0.50
CA VAL B 169 -4.03 -23.49 -0.85
C VAL B 169 -4.98 -22.36 -1.25
N PHE B 170 -4.79 -21.86 -2.47
CA PHE B 170 -5.65 -20.81 -3.04
C PHE B 170 -6.87 -21.45 -3.73
N LEU B 171 -8.07 -21.04 -3.34
CA LEU B 171 -9.32 -21.58 -3.94
C LEU B 171 -10.20 -20.43 -4.43
N THR B 172 -10.68 -20.54 -5.68
CA THR B 172 -11.57 -19.51 -6.26
C THR B 172 -13.03 -19.94 -6.10
N GLY B 173 -13.95 -18.99 -6.19
CA GLY B 173 -15.40 -19.31 -6.12
C GLY B 173 -15.98 -19.47 -7.52
N PRO B 174 -17.23 -19.95 -7.65
CA PRO B 174 -17.87 -20.13 -8.95
C PRO B 174 -18.20 -18.80 -9.67
N LYS B 175 -17.94 -17.67 -9.01
CA LYS B 175 -18.19 -16.33 -9.62
C LYS B 175 -16.85 -15.70 -10.00
N GLY C 74 -0.29 19.28 -11.37
CA GLY C 74 0.79 18.49 -10.70
C GLY C 74 0.24 17.31 -9.91
N LEU C 75 -0.65 16.54 -10.55
CA LEU C 75 -1.26 15.32 -9.92
C LEU C 75 -1.48 14.26 -10.99
N PRO C 76 -1.16 12.98 -10.72
CA PRO C 76 -1.38 11.92 -11.70
C PRO C 76 -2.86 11.93 -12.12
N PRO C 77 -3.17 11.78 -13.42
CA PRO C 77 -4.56 11.78 -13.87
C PRO C 77 -5.39 10.74 -13.10
N GLY C 78 -6.57 11.13 -12.63
CA GLY C 78 -7.44 10.22 -11.85
C GLY C 78 -7.13 10.30 -10.36
N SER C 79 -6.37 11.30 -9.93
CA SER C 79 -6.03 11.41 -8.49
C SER C 79 -6.71 12.65 -7.86
N ALA C 80 -6.61 12.75 -6.54
CA ALA C 80 -7.15 13.91 -5.79
C ALA C 80 -6.24 14.16 -4.58
N LEU C 81 -6.44 15.29 -3.92
CA LEU C 81 -5.63 15.67 -2.74
C LEU C 81 -6.56 16.08 -1.59
N LEU C 82 -6.15 15.74 -0.38
CA LEU C 82 -6.80 16.28 0.84
C LEU C 82 -5.77 17.20 1.49
N VAL C 83 -6.04 18.50 1.50
CA VAL C 83 -5.09 19.49 2.08
C VAL C 83 -5.53 19.78 3.51
N VAL C 84 -4.61 19.64 4.46
CA VAL C 84 -4.97 19.94 5.87
C VAL C 84 -4.97 21.46 6.04
N LYS C 85 -6.12 22.03 6.39
CA LYS C 85 -6.27 23.49 6.60
C LYS C 85 -6.15 23.81 8.10
N ARG C 86 -6.53 22.86 8.96
CA ARG C 86 -6.48 23.07 10.44
C ARG C 86 -6.16 21.73 11.11
N GLY C 87 -5.31 21.76 12.14
CA GLY C 87 -4.93 20.52 12.85
C GLY C 87 -3.41 20.37 12.94
N PRO C 88 -2.92 19.39 13.73
CA PRO C 88 -1.48 19.20 13.93
C PRO C 88 -0.58 19.33 12.69
N ASN C 89 -0.96 18.73 11.57
CA ASN C 89 -0.12 18.73 10.34
C ASN C 89 -0.66 19.76 9.32
N ALA C 90 -1.23 20.87 9.79
CA ALA C 90 -1.74 21.90 8.85
C ALA C 90 -0.64 22.25 7.85
N GLY C 91 -1.00 22.34 6.56
CA GLY C 91 -0.07 22.63 5.46
C GLY C 91 0.28 21.37 4.69
N SER C 92 0.26 20.22 5.37
CA SER C 92 0.56 18.92 4.73
C SER C 92 -0.66 18.48 3.90
N ARG C 93 -0.49 17.44 3.10
CA ARG C 93 -1.61 17.00 2.25
C ARG C 93 -1.47 15.50 2.01
N PHE C 94 -2.55 14.92 1.53
CA PHE C 94 -2.61 13.46 1.34
C PHE C 94 -3.13 13.13 -0.06
N LEU C 95 -2.44 12.21 -0.71
CA LEU C 95 -2.82 11.79 -2.07
C LEU C 95 -3.93 10.73 -2.00
N LEU C 96 -4.97 10.96 -2.79
CA LEU C 96 -6.05 9.98 -3.05
C LEU C 96 -5.81 9.48 -4.47
N ASP C 97 -5.38 8.23 -4.60
CA ASP C 97 -5.03 7.73 -5.96
C ASP C 97 -5.17 6.21 -5.93
N GLN C 98 -6.38 5.74 -5.65
CA GLN C 98 -6.64 4.29 -5.54
C GLN C 98 -8.08 4.06 -5.12
N ALA C 99 -8.56 2.83 -5.32
CA ALA C 99 -9.94 2.44 -4.97
C ALA C 99 -10.27 2.80 -3.52
N ILE C 100 -9.42 2.42 -2.56
CA ILE C 100 -9.76 2.67 -1.11
C ILE C 100 -8.57 3.23 -0.32
N THR C 101 -8.80 4.36 0.34
CA THR C 101 -7.78 4.99 1.22
C THR C 101 -8.39 5.14 2.61
N SER C 102 -7.83 4.46 3.61
CA SER C 102 -8.32 4.57 5.01
C SER C 102 -7.80 5.84 5.68
N ALA C 103 -8.61 6.42 6.57
CA ALA C 103 -8.23 7.63 7.33
C ALA C 103 -8.59 7.42 8.79
N GLY C 104 -7.65 7.70 9.68
CA GLY C 104 -7.92 7.56 11.11
C GLY C 104 -6.66 7.73 11.92
N ARG C 105 -6.73 7.43 13.21
CA ARG C 105 -5.54 7.52 14.09
C ARG C 105 -4.93 6.12 14.26
N HIS C 106 -5.54 5.09 13.67
CA HIS C 106 -4.90 3.75 13.74
C HIS C 106 -3.53 3.83 13.08
N PRO C 107 -2.46 3.22 13.64
CA PRO C 107 -1.13 3.26 13.02
C PRO C 107 -1.08 2.74 11.58
N ASP C 108 -2.03 1.88 11.22
CA ASP C 108 -2.10 1.24 9.88
C ASP C 108 -2.88 2.14 8.91
N SER C 109 -3.39 3.29 9.36
CA SER C 109 -4.18 4.19 8.47
C SER C 109 -3.34 4.63 7.26
N ASP C 110 -3.95 4.68 6.08
CA ASP C 110 -3.28 5.19 4.85
C ASP C 110 -3.06 6.70 5.02
N ILE C 111 -4.08 7.36 5.57
CA ILE C 111 -4.06 8.82 5.92
C ILE C 111 -4.08 8.89 7.44
N PHE C 112 -2.88 9.08 8.00
CA PHE C 112 -2.67 9.04 9.47
C PHE C 112 -2.96 10.41 10.09
N LEU C 113 -4.15 10.52 10.70
CA LEU C 113 -4.60 11.77 11.40
C LEU C 113 -4.52 11.50 12.89
N ASP C 114 -3.36 11.84 13.46
CA ASP C 114 -3.02 11.41 14.83
C ASP C 114 -3.50 12.42 15.86
N ASP C 115 -4.73 12.25 16.33
CA ASP C 115 -5.29 13.08 17.42
C ASP C 115 -6.37 12.25 18.11
N VAL C 116 -6.57 12.45 19.41
CA VAL C 116 -7.56 11.61 20.15
C VAL C 116 -8.98 11.93 19.67
N THR C 117 -9.18 13.04 18.95
CA THR C 117 -10.53 13.41 18.43
C THR C 117 -10.88 12.55 17.22
N VAL C 118 -9.88 11.87 16.66
CA VAL C 118 -10.10 11.04 15.43
C VAL C 118 -10.22 9.58 15.85
N SER C 119 -11.20 8.86 15.31
CA SER C 119 -11.35 7.43 15.65
C SER C 119 -10.21 6.61 15.00
N ARG C 120 -9.87 5.45 15.57
CA ARG C 120 -8.77 4.62 15.00
C ARG C 120 -9.10 4.31 13.54
N ARG C 121 -10.33 3.85 13.27
CA ARG C 121 -10.81 3.62 11.89
C ARG C 121 -11.97 4.58 11.71
N HIS C 122 -11.68 5.77 11.17
CA HIS C 122 -12.68 6.86 11.14
C HIS C 122 -13.45 6.89 9.81
N ALA C 123 -12.71 7.00 8.70
CA ALA C 123 -13.36 7.12 7.38
C ALA C 123 -12.56 6.39 6.32
N GLU C 124 -13.17 6.21 5.16
CA GLU C 124 -12.49 5.67 3.97
C GLU C 124 -12.87 6.56 2.78
N PHE C 125 -11.87 6.88 1.97
CA PHE C 125 -12.05 7.64 0.71
C PHE C 125 -11.99 6.61 -0.43
N ARG C 126 -12.99 6.61 -1.30
CA ARG C 126 -13.05 5.59 -2.36
C ARG C 126 -13.23 6.27 -3.71
N LEU C 127 -12.61 5.70 -4.73
CA LEU C 127 -12.80 6.17 -6.12
C LEU C 127 -13.81 5.20 -6.75
N GLU C 128 -15.02 5.67 -7.01
CA GLU C 128 -16.13 4.87 -7.62
C GLU C 128 -16.92 5.77 -8.57
N ASN C 129 -17.37 5.23 -9.69
CA ASN C 129 -18.19 6.04 -10.63
C ASN C 129 -17.40 7.27 -11.04
N ASN C 130 -16.07 7.14 -11.17
CA ASN C 130 -15.15 8.23 -11.61
C ASN C 130 -15.28 9.44 -10.69
N GLU C 131 -15.68 9.21 -9.44
CA GLU C 131 -15.80 10.30 -8.44
C GLU C 131 -15.17 9.83 -7.14
N PHE C 132 -14.77 10.76 -6.29
CA PHE C 132 -14.27 10.35 -4.94
C PHE C 132 -15.43 10.47 -3.96
N ASN C 133 -15.55 9.50 -3.07
CA ASN C 133 -16.59 9.63 -2.03
C ASN C 133 -15.93 9.34 -0.69
N VAL C 134 -16.51 9.89 0.36
CA VAL C 134 -16.03 9.60 1.73
C VAL C 134 -17.09 8.75 2.42
N VAL C 135 -16.66 7.77 3.18
CA VAL C 135 -17.60 6.90 3.93
C VAL C 135 -17.17 6.93 5.41
N ASP C 136 -18.12 7.22 6.31
CA ASP C 136 -17.83 7.12 7.76
C ASP C 136 -17.89 5.64 8.11
N VAL C 137 -16.78 5.03 8.52
CA VAL C 137 -16.75 3.55 8.79
C VAL C 137 -16.89 3.26 10.28
N GLY C 138 -17.45 4.18 11.06
CA GLY C 138 -17.77 3.93 12.48
C GLY C 138 -17.08 4.88 13.43
N SER C 139 -17.02 6.16 13.07
CA SER C 139 -16.38 7.18 13.95
C SER C 139 -17.20 7.43 15.22
N LEU C 140 -16.52 7.89 16.25
CA LEU C 140 -17.14 8.24 17.56
C LEU C 140 -17.75 9.65 17.46
N ASN C 141 -17.08 10.56 16.73
CA ASN C 141 -17.45 12.01 16.67
C ASN C 141 -18.09 12.46 15.34
N GLY C 142 -18.16 11.60 14.31
CA GLY C 142 -18.76 11.99 13.03
C GLY C 142 -17.74 12.39 11.95
N THR C 143 -18.19 12.35 10.70
CA THR C 143 -17.41 12.81 9.53
C THR C 143 -18.26 13.89 8.88
N TYR C 144 -17.72 15.09 8.69
CA TYR C 144 -18.56 16.23 8.24
C TYR C 144 -18.09 16.69 6.87
N VAL C 145 -19.05 16.90 5.98
CA VAL C 145 -18.77 17.48 4.63
C VAL C 145 -19.50 18.82 4.57
N ASN C 146 -18.75 19.91 4.47
CA ASN C 146 -19.37 21.25 4.47
C ASN C 146 -20.27 21.41 5.71
N ARG C 147 -19.74 21.01 6.87
CA ARG C 147 -20.36 21.14 8.23
C ARG C 147 -21.47 20.10 8.48
N GLU C 148 -21.86 19.33 7.47
CA GLU C 148 -22.97 18.34 7.66
C GLU C 148 -22.42 16.95 7.93
N PRO C 149 -22.88 16.26 8.98
CA PRO C 149 -22.42 14.90 9.24
C PRO C 149 -22.98 13.96 8.16
N VAL C 150 -22.13 13.08 7.64
CA VAL C 150 -22.57 12.17 6.55
C VAL C 150 -22.21 10.72 6.91
N ASP C 151 -22.97 9.79 6.33
CA ASP C 151 -22.64 8.34 6.40
C ASP C 151 -21.76 8.09 5.19
N SER C 152 -22.16 8.65 4.05
CA SER C 152 -21.37 8.57 2.81
C SER C 152 -21.69 9.80 1.98
N ALA C 153 -20.70 10.35 1.27
CA ALA C 153 -21.02 11.49 0.40
C ALA C 153 -20.04 11.58 -0.76
N VAL C 154 -20.55 11.96 -1.93
CA VAL C 154 -19.69 12.22 -3.11
C VAL C 154 -19.02 13.57 -2.89
N LEU C 155 -17.71 13.64 -3.11
CA LEU C 155 -16.96 14.90 -2.88
C LEU C 155 -16.82 15.69 -4.17
N ALA C 156 -16.86 17.01 -4.04
CA ALA C 156 -16.70 17.96 -5.15
C ALA C 156 -15.49 18.84 -4.85
N ASN C 157 -14.76 19.27 -5.88
CA ASN C 157 -13.59 20.16 -5.68
C ASN C 157 -13.94 21.28 -4.69
N GLY C 158 -13.11 21.46 -3.66
CA GLY C 158 -13.30 22.56 -2.70
C GLY C 158 -14.11 22.18 -1.48
N ASP C 159 -14.71 20.99 -1.47
CA ASP C 159 -15.49 20.55 -0.29
C ASP C 159 -14.58 20.47 0.95
N GLU C 160 -15.10 20.94 2.09
CA GLU C 160 -14.38 20.86 3.38
C GLU C 160 -14.82 19.56 4.08
N VAL C 161 -13.85 18.78 4.53
CA VAL C 161 -14.12 17.50 5.24
C VAL C 161 -13.54 17.62 6.63
N GLN C 162 -14.35 17.42 7.66
CA GLN C 162 -13.83 17.51 9.05
C GLN C 162 -13.82 16.11 9.66
N ILE C 163 -12.65 15.71 10.14
CA ILE C 163 -12.45 14.41 10.85
C ILE C 163 -11.78 14.76 12.16
N GLY C 164 -12.48 14.60 13.27
CA GLY C 164 -11.92 15.09 14.54
C GLY C 164 -11.67 16.58 14.44
N LYS C 165 -10.54 17.04 14.97
CA LYS C 165 -10.23 18.50 14.89
C LYS C 165 -9.61 18.82 13.53
N PHE C 166 -9.41 17.82 12.66
CA PHE C 166 -8.76 18.09 11.35
C PHE C 166 -9.77 18.67 10.37
N ARG C 167 -9.41 19.76 9.71
CA ARG C 167 -10.27 20.35 8.66
C ARG C 167 -9.50 20.16 7.36
N LEU C 168 -10.06 19.36 6.46
CA LEU C 168 -9.37 19.07 5.18
C LEU C 168 -10.16 19.73 4.05
N VAL C 169 -9.44 20.12 2.99
CA VAL C 169 -10.12 20.55 1.75
C VAL C 169 -9.81 19.52 0.66
N PHE C 170 -10.85 19.07 -0.03
CA PHE C 170 -10.72 18.10 -1.14
C PHE C 170 -10.49 18.87 -2.46
N LEU C 171 -9.40 18.52 -3.16
CA LEU C 171 -9.07 19.13 -4.49
C LEU C 171 -8.97 18.00 -5.53
N THR C 172 -9.69 18.13 -6.65
CA THR C 172 -9.66 17.08 -7.71
C THR C 172 -8.50 17.32 -8.68
N GLY C 173 -7.88 16.22 -9.14
CA GLY C 173 -6.80 16.27 -10.15
C GLY C 173 -7.40 16.13 -11.55
N PRO C 174 -6.56 16.01 -12.61
CA PRO C 174 -7.06 15.88 -13.98
C PRO C 174 -8.05 14.71 -14.16
C1 PEG D . 22.65 -8.16 10.86
O1 PEG D . 21.33 -8.28 10.37
C2 PEG D . 23.59 -9.14 10.21
O2 PEG D . 24.70 -8.44 9.66
C3 PEG D . 25.93 -9.17 9.73
C4 PEG D . 27.08 -8.24 9.53
O4 PEG D . 28.26 -8.68 10.20
#